data_7UJ3
#
_entry.id   7UJ3
#
_cell.length_a   170.020
_cell.length_b   170.020
_cell.length_c   170.020
_cell.angle_alpha   90.000
_cell.angle_beta   90.000
_cell.angle_gamma   90.000
#
_symmetry.space_group_name_H-M   'P 41 3 2'
#
loop_
_entity.id
_entity.type
_entity.pdbx_description
1 polymer 'RSV variant (construct pXCS847A) F2'
2 polymer 'RSV variant (construct pXCS847A) F1'
3 non-polymer 'SULFATE ION'
4 non-polymer 2-acetamido-2-deoxy-beta-D-glucopyranose
#
loop_
_entity_poly.entity_id
_entity_poly.type
_entity_poly.pdbx_seq_one_letter_code
_entity_poly.pdbx_strand_id
1 'polypeptide(L)'
;MELPILKTNAITTILAAVTLCFASSQNITEEFYQSTCSAVSKGYLSALRTGWYTSVITIELSNIKENKCNGTDAKVKLIK
QELDKYKNAVTELQLLMQSTPACNSRARR
;
A
2 'polypeptide(L)'
;FLGFLLGVGSACASGIAVSKVLHLEGEVNKIKSALLSTNKAVVSLSNGVSVLTIKVLDLKNYIDKQLLPIVNKQSCSISN
IETVIEFQQKNNRLLEITREFSVNAGVTTPVSTYMLTNSELLSLINDMPITNDQKKLMSSNVQIVRQQSYSIMSIIKEEV
LAYVVQLPLYGVIDTPCWKLHTSPLCTTNTKEGSNICLTRTDRGWYCDNAGSVSFFPQAETCKVQSNRVFCDTMNSLTLP
SEVNLCNIDIFNPKYDCKIMTSKTDVSSSVITSLGAIVSCYGKTKCTASNKNRGIIKTFSNGCDYVSNKGVDTVSVGNTL
YYVNKQEGKSLYVKGEPIINFYDPLVFPSSEFDASISQVNEKINQSLAFIRKSDELLSAIGGYIPEAPRDGQAYVRKDGE
WVLLSTFLGG
;
B
#
loop_
_chem_comp.id
_chem_comp.type
_chem_comp.name
_chem_comp.formula
NAG D-saccharide, beta linking 2-acetamido-2-deoxy-beta-D-glucopyranose 'C8 H15 N O6'
SO4 non-polymer 'SULFATE ION' 'O4 S -2'
#
# COMPACT_ATOMS: atom_id res chain seq x y z
N GLN A 26 0.88 -16.71 22.26
CA GLN A 26 0.53 -16.75 20.82
C GLN A 26 0.51 -15.32 20.26
N ASN A 27 1.49 -14.99 19.42
CA ASN A 27 1.54 -13.64 18.79
C ASN A 27 0.31 -13.48 17.89
N ILE A 28 0.16 -14.33 16.87
CA ILE A 28 -0.94 -14.19 15.89
C ILE A 28 -2.02 -15.23 16.18
N THR A 29 -3.29 -14.86 16.05
CA THR A 29 -4.42 -15.78 16.26
C THR A 29 -5.41 -15.66 15.09
N GLU A 30 -6.34 -16.63 14.98
CA GLU A 30 -7.36 -16.64 13.92
C GLU A 30 -8.65 -17.28 14.41
N GLU A 31 -9.79 -16.81 13.91
CA GLU A 31 -11.09 -17.35 14.28
C GLU A 31 -11.90 -17.56 13.01
N PHE A 32 -12.51 -18.75 12.84
CA PHE A 32 -13.33 -19.02 11.67
C PHE A 32 -14.79 -19.11 12.05
N TYR A 33 -15.63 -18.23 11.49
CA TYR A 33 -17.07 -18.21 11.73
C TYR A 33 -17.78 -19.01 10.64
N GLN A 34 -18.25 -20.22 11.01
CA GLN A 34 -18.94 -21.18 10.14
C GLN A 34 -20.29 -20.63 9.69
N SER A 35 -20.89 -19.78 10.51
CA SER A 35 -22.18 -19.14 10.29
C SER A 35 -22.14 -18.06 9.20
N THR A 36 -21.08 -17.24 9.18
CA THR A 36 -20.95 -16.15 8.19
C THR A 36 -19.95 -16.45 7.06
N CYS A 37 -19.29 -17.63 7.09
CA CYS A 37 -18.26 -18.06 6.12
C CYS A 37 -17.15 -17.00 6.06
N SER A 38 -16.57 -16.70 7.23
CA SER A 38 -15.52 -15.68 7.36
C SER A 38 -14.53 -16.02 8.46
N ALA A 39 -13.32 -15.49 8.35
CA ALA A 39 -12.26 -15.71 9.32
C ALA A 39 -11.58 -14.40 9.67
N VAL A 40 -11.28 -14.19 10.96
CA VAL A 40 -10.60 -12.98 11.45
C VAL A 40 -9.22 -13.33 12.01
N SER A 41 -8.16 -12.76 11.40
CA SER A 41 -6.76 -12.95 11.82
C SER A 41 -6.35 -11.81 12.77
N LYS A 42 -6.29 -12.11 14.08
CA LYS A 42 -5.95 -11.14 15.14
C LYS A 42 -4.46 -11.12 15.50
N GLY A 43 -4.06 -10.12 16.27
CA GLY A 43 -2.72 -9.97 16.82
C GLY A 43 -1.72 -9.17 16.03
N TYR A 44 -2.20 -8.30 15.13
CA TYR A 44 -1.33 -7.45 14.30
C TYR A 44 -1.20 -6.05 14.92
N LEU A 45 -0.19 -5.27 14.49
CA LEU A 45 0.05 -3.91 14.99
C LEU A 45 0.10 -2.90 13.86
N SER A 46 -0.49 -1.72 14.06
CA SER A 46 -0.55 -0.67 13.05
C SER A 46 0.76 0.04 12.75
N ALA A 47 0.81 0.68 11.58
CA ALA A 47 1.88 1.51 11.05
C ALA A 47 1.22 2.29 9.92
N LEU A 48 0.13 3.01 10.28
CA LEU A 48 -0.71 3.74 9.35
C LEU A 48 -0.11 5.07 8.96
N ARG A 49 0.02 5.31 7.64
CA ARG A 49 0.54 6.56 7.09
C ARG A 49 -0.50 7.66 7.32
N THR A 50 -0.20 8.59 8.23
CA THR A 50 -1.15 9.67 8.55
C THR A 50 -0.83 10.88 7.69
N GLY A 51 0.45 11.23 7.59
CA GLY A 51 0.83 12.43 6.83
C GLY A 51 2.11 12.21 6.06
N TRP A 52 2.83 13.31 5.77
CA TRP A 52 4.03 13.21 4.91
C TRP A 52 5.15 14.11 5.41
N TYR A 53 6.40 13.70 5.26
CA TYR A 53 7.55 14.58 5.61
C TYR A 53 8.26 15.01 4.33
N THR A 54 8.23 16.30 4.00
CA THR A 54 8.83 16.80 2.73
C THR A 54 10.27 17.27 2.95
N SER A 55 11.16 16.96 2.02
CA SER A 55 12.60 17.33 2.14
C SER A 55 13.13 17.68 0.75
N VAL A 56 13.97 18.70 0.63
CA VAL A 56 14.51 19.14 -0.66
C VAL A 56 15.87 18.48 -0.89
N ILE A 57 15.96 17.63 -1.91
CA ILE A 57 17.20 16.94 -2.25
C ILE A 57 17.87 17.72 -3.37
N THR A 58 19.09 18.24 -3.08
CA THR A 58 19.87 19.10 -3.97
C THR A 58 21.18 18.49 -4.48
N ILE A 59 21.51 18.82 -5.74
CA ILE A 59 22.75 18.41 -6.42
C ILE A 59 23.43 19.68 -6.95
N GLU A 60 24.63 20.00 -6.42
CA GLU A 60 25.41 21.18 -6.82
C GLU A 60 26.08 20.90 -8.18
N LEU A 61 25.51 21.46 -9.26
CA LEU A 61 25.99 21.26 -10.64
C LEU A 61 26.83 22.44 -11.16
N SER A 62 27.79 22.13 -12.06
CA SER A 62 28.67 23.12 -12.69
C SER A 62 28.07 23.63 -14.01
N ASN A 63 28.01 24.97 -14.16
CA ASN A 63 27.47 25.62 -15.36
C ASN A 63 28.63 25.92 -16.32
N ILE A 64 28.58 25.35 -17.53
CA ILE A 64 29.61 25.53 -18.57
C ILE A 64 29.01 25.94 -19.92
N THR A 72 41.82 15.45 -30.95
CA THR A 72 42.09 14.24 -31.73
C THR A 72 42.52 13.07 -30.85
N ASP A 73 43.13 13.36 -29.67
CA ASP A 73 43.61 12.36 -28.71
C ASP A 73 42.45 11.56 -28.10
N ALA A 74 42.67 10.25 -27.90
CA ALA A 74 41.68 9.32 -27.35
C ALA A 74 41.24 9.63 -25.91
N LYS A 75 42.17 10.13 -25.07
CA LYS A 75 41.90 10.49 -23.67
C LYS A 75 41.03 11.75 -23.52
N VAL A 76 41.08 12.64 -24.53
CA VAL A 76 40.33 13.90 -24.55
C VAL A 76 38.97 13.74 -25.24
N LYS A 77 38.82 12.76 -26.15
CA LYS A 77 37.54 12.54 -26.84
C LYS A 77 36.52 11.80 -25.96
N LEU A 78 37.02 10.96 -25.02
CA LEU A 78 36.18 10.22 -24.07
C LEU A 78 35.62 11.16 -23.01
N ILE A 79 36.45 12.11 -22.54
CA ILE A 79 36.03 13.13 -21.55
C ILE A 79 35.04 14.12 -22.21
N LYS A 80 35.10 14.26 -23.56
CA LYS A 80 34.20 15.10 -24.35
C LYS A 80 32.85 14.38 -24.48
N GLN A 81 32.89 13.07 -24.84
CA GLN A 81 31.71 12.18 -24.98
C GLN A 81 30.94 12.07 -23.68
N GLU A 82 31.66 12.12 -22.53
CA GLU A 82 31.07 12.06 -21.18
C GLU A 82 30.59 13.44 -20.72
N LEU A 83 31.23 14.54 -21.18
CA LEU A 83 30.80 15.90 -20.83
C LEU A 83 29.59 16.29 -21.69
N ASP A 84 29.44 15.67 -22.88
CA ASP A 84 28.30 15.86 -23.77
C ASP A 84 27.07 15.22 -23.13
N LYS A 85 27.26 14.06 -22.46
CA LYS A 85 26.24 13.32 -21.72
C LYS A 85 25.70 14.20 -20.57
N TYR A 86 26.63 14.89 -19.85
CA TYR A 86 26.31 15.80 -18.75
C TYR A 86 25.51 17.02 -19.24
N LYS A 87 25.94 17.62 -20.36
CA LYS A 87 25.29 18.79 -20.96
C LYS A 87 23.88 18.44 -21.45
N ASN A 88 23.71 17.27 -22.11
CA ASN A 88 22.42 16.78 -22.61
C ASN A 88 21.43 16.50 -21.48
N ALA A 89 21.95 16.04 -20.32
CA ALA A 89 21.18 15.72 -19.12
C ALA A 89 20.61 17.00 -18.48
N VAL A 90 21.46 18.03 -18.30
CA VAL A 90 21.09 19.32 -17.72
C VAL A 90 20.07 20.05 -18.62
N THR A 91 20.23 19.94 -19.96
CA THR A 91 19.33 20.54 -20.95
C THR A 91 17.96 19.85 -20.94
N GLU A 92 17.93 18.54 -20.61
CA GLU A 92 16.71 17.75 -20.53
C GLU A 92 15.88 18.17 -19.31
N LEU A 93 16.53 18.30 -18.14
CA LEU A 93 15.90 18.72 -16.88
C LEU A 93 15.38 20.16 -16.96
N GLN A 94 15.87 20.92 -17.94
CA GLN A 94 15.47 22.35 -18.04
C GLN A 94 14.12 22.40 -18.73
N LEU A 95 13.81 21.36 -19.49
CA LEU A 95 12.52 21.33 -20.23
C LEU A 95 11.45 20.75 -19.31
N LEU A 96 11.87 19.88 -18.40
CA LEU A 96 10.91 19.22 -17.50
C LEU A 96 10.50 20.18 -16.38
N MET A 97 11.46 20.82 -15.72
CA MET A 97 11.15 21.67 -14.54
C MET A 97 9.93 22.57 -14.73
N GLN A 98 9.77 23.18 -15.90
CA GLN A 98 8.65 24.14 -16.11
C GLN A 98 7.31 23.41 -15.93
N SER A 99 7.12 22.33 -16.68
CA SER A 99 5.88 21.53 -16.57
C SER A 99 5.72 21.00 -15.13
N THR A 100 4.54 21.19 -14.54
CA THR A 100 4.30 20.75 -13.13
C THR A 100 3.55 19.39 -13.12
N PRO A 101 3.93 18.36 -12.34
CA PRO A 101 3.28 17.05 -12.47
C PRO A 101 2.19 16.67 -11.47
N ALA A 102 1.62 15.46 -11.59
CA ALA A 102 0.65 14.94 -10.60
C ALA A 102 0.67 13.41 -10.53
N CYS A 103 0.41 12.82 -9.36
CA CYS A 103 0.29 11.33 -9.34
C CYS A 103 -0.81 10.90 -10.32
N ASN A 104 -2.02 11.47 -10.17
CA ASN A 104 -3.22 11.17 -11.00
C ASN A 104 -4.33 11.56 -10.02
N SER A 105 -5.60 11.34 -10.34
CA SER A 105 -6.68 11.61 -9.36
C SER A 105 -8.00 10.90 -9.69
N ARG A 106 -8.88 10.73 -8.70
CA ARG A 106 -10.23 10.10 -8.86
C ARG A 106 -10.20 8.58 -8.70
N ALA A 107 -9.67 8.07 -7.58
CA ALA A 107 -9.74 6.62 -7.31
C ALA A 107 -10.24 6.30 -5.89
N PHE B 1 -13.68 -5.16 -1.30
CA PHE B 1 -14.82 -5.11 -2.23
C PHE B 1 -15.40 -3.69 -2.24
N LEU B 2 -15.61 -3.14 -1.02
CA LEU B 2 -16.19 -1.84 -0.76
C LEU B 2 -15.24 -0.68 -1.07
N GLY B 3 -14.31 -0.91 -2.01
CA GLY B 3 -13.32 0.06 -2.46
C GLY B 3 -13.95 1.24 -3.17
N PHE B 4 -15.11 1.03 -3.82
CA PHE B 4 -15.87 2.06 -4.53
C PHE B 4 -16.44 3.10 -3.56
N LEU B 5 -16.48 2.76 -2.25
CA LEU B 5 -16.98 3.63 -1.19
C LEU B 5 -15.95 4.65 -0.78
N LEU B 6 -14.67 4.37 -1.04
CA LEU B 6 -13.55 5.25 -0.67
C LEU B 6 -13.64 6.58 -1.37
N GLY B 7 -13.18 7.61 -0.65
CA GLY B 7 -13.12 8.98 -1.14
C GLY B 7 -11.84 9.16 -1.94
N VAL B 8 -11.73 10.29 -2.67
CA VAL B 8 -10.56 10.53 -3.49
C VAL B 8 -9.82 11.81 -3.09
N GLY B 9 -8.53 11.83 -3.35
CA GLY B 9 -7.69 12.97 -3.05
C GLY B 9 -6.40 12.96 -3.84
N SER B 10 -5.58 14.01 -3.64
CA SER B 10 -4.28 14.13 -4.30
C SER B 10 -3.19 13.78 -3.28
N ALA B 11 -2.37 12.76 -3.59
CA ALA B 11 -1.28 12.30 -2.71
C ALA B 11 -0.01 13.12 -2.94
N CYS B 12 0.15 13.62 -4.18
CA CYS B 12 1.29 14.41 -4.65
C CYS B 12 1.20 15.88 -4.28
N ALA B 13 -0.03 16.44 -4.11
CA ALA B 13 -0.29 17.84 -3.76
C ALA B 13 0.52 18.37 -2.57
N SER B 14 0.83 17.49 -1.59
CA SER B 14 1.61 17.81 -0.39
C SER B 14 3.07 18.16 -0.73
N GLY B 15 3.68 17.35 -1.58
CA GLY B 15 5.07 17.50 -2.03
C GLY B 15 5.25 18.49 -3.16
N ILE B 16 4.20 18.70 -3.97
CA ILE B 16 4.18 19.65 -5.09
C ILE B 16 4.13 21.08 -4.53
N ALA B 17 3.46 21.26 -3.38
CA ALA B 17 3.34 22.55 -2.70
C ALA B 17 4.74 23.09 -2.36
N VAL B 18 5.66 22.19 -1.98
CA VAL B 18 7.06 22.51 -1.65
C VAL B 18 7.84 22.78 -2.97
N SER B 19 7.44 22.13 -4.07
CA SER B 19 8.05 22.27 -5.39
C SER B 19 7.70 23.61 -6.04
N LYS B 20 6.42 24.04 -5.92
CA LYS B 20 5.90 25.29 -6.48
C LYS B 20 6.53 26.53 -5.82
N VAL B 21 6.86 26.41 -4.54
CA VAL B 21 7.50 27.54 -3.81
C VAL B 21 9.00 27.52 -4.12
N LEU B 22 9.56 26.35 -4.42
CA LEU B 22 11.02 26.28 -4.65
C LEU B 22 11.39 27.17 -5.84
N HIS B 23 10.40 27.60 -6.62
CA HIS B 23 10.61 28.51 -7.78
C HIS B 23 10.39 29.97 -7.37
N LEU B 24 10.69 30.36 -6.12
CA LEU B 24 10.32 31.73 -5.68
C LEU B 24 11.52 32.63 -5.39
N GLU B 25 12.01 33.37 -6.40
CA GLU B 25 13.05 34.40 -6.14
C GLU B 25 14.28 33.83 -5.43
N GLY B 26 14.63 34.42 -4.28
CA GLY B 26 15.87 34.03 -3.57
C GLY B 26 15.87 32.59 -3.12
N GLU B 27 14.68 31.98 -3.01
CA GLU B 27 14.59 30.55 -2.64
C GLU B 27 15.85 29.79 -3.05
N VAL B 28 16.19 29.77 -4.34
CA VAL B 28 17.32 28.96 -4.80
C VAL B 28 18.64 29.38 -4.12
N ASN B 29 18.86 30.69 -3.93
CA ASN B 29 20.06 31.25 -3.30
C ASN B 29 20.11 30.98 -1.78
N LYS B 30 18.94 30.80 -1.14
CA LYS B 30 18.83 30.55 0.31
C LYS B 30 19.48 29.24 0.72
N ILE B 31 19.13 28.13 0.03
CA ILE B 31 19.67 26.80 0.33
C ILE B 31 21.15 26.67 -0.09
N LYS B 32 21.56 27.38 -1.16
CA LYS B 32 22.92 27.36 -1.72
C LYS B 32 24.01 27.76 -0.70
N SER B 33 23.72 28.79 0.12
CA SER B 33 24.65 29.30 1.13
C SER B 33 24.67 28.42 2.39
N ALA B 34 23.49 27.92 2.80
CA ALA B 34 23.30 27.08 3.99
C ALA B 34 23.98 25.71 3.90
N LEU B 35 24.13 25.18 2.68
CA LEU B 35 24.73 23.86 2.44
C LEU B 35 26.20 23.93 1.99
N LEU B 36 26.85 25.09 2.17
CA LEU B 36 28.26 25.29 1.80
C LEU B 36 29.19 24.65 2.83
N SER B 37 28.92 24.87 4.14
CA SER B 37 29.73 24.35 5.25
C SER B 37 29.52 22.83 5.43
N THR B 38 28.26 22.40 5.60
CA THR B 38 27.88 20.99 5.80
C THR B 38 27.00 20.47 4.66
N ASN B 39 27.01 19.13 4.43
CA ASN B 39 26.22 18.47 3.41
C ASN B 39 24.74 18.31 3.81
N LYS B 40 24.42 18.45 5.11
CA LYS B 40 23.06 18.35 5.65
C LYS B 40 22.75 19.51 6.60
N ALA B 41 21.73 20.33 6.28
CA ALA B 41 21.34 21.48 7.09
C ALA B 41 19.85 21.80 7.00
N VAL B 42 19.23 22.10 8.17
CA VAL B 42 17.81 22.46 8.31
C VAL B 42 17.54 23.86 7.73
N VAL B 43 16.54 23.97 6.84
CA VAL B 43 16.21 25.24 6.17
C VAL B 43 14.74 25.66 6.41
N SER B 44 14.54 26.96 6.67
CA SER B 44 13.22 27.59 6.85
C SER B 44 12.83 28.22 5.52
N LEU B 45 11.61 27.92 5.04
CA LEU B 45 11.09 28.42 3.76
C LEU B 45 10.21 29.66 3.89
N SER B 46 9.99 30.36 2.75
CA SER B 46 9.15 31.57 2.65
C SER B 46 7.69 31.24 2.97
N ASN B 47 7.21 30.05 2.56
CA ASN B 47 5.87 29.55 2.82
C ASN B 47 5.75 29.15 4.30
N GLY B 48 6.89 28.79 4.90
CA GLY B 48 6.98 28.42 6.30
C GLY B 48 6.94 26.93 6.56
N VAL B 49 7.87 26.19 5.94
CA VAL B 49 7.97 24.74 6.08
C VAL B 49 9.34 24.34 6.63
N SER B 50 9.37 23.45 7.65
CA SER B 50 10.59 22.92 8.26
C SER B 50 11.15 21.85 7.29
N VAL B 51 11.97 22.30 6.32
CA VAL B 51 12.54 21.46 5.27
C VAL B 51 14.01 21.11 5.49
N LEU B 52 14.33 19.81 5.52
CA LEU B 52 15.69 19.33 5.67
C LEU B 52 16.32 19.27 4.28
N THR B 53 17.12 20.29 3.92
CA THR B 53 17.77 20.35 2.62
C THR B 53 19.13 19.66 2.68
N ILE B 54 19.35 18.70 1.78
CA ILE B 54 20.59 17.92 1.74
C ILE B 54 21.29 18.06 0.40
N LYS B 55 22.59 18.39 0.45
CA LYS B 55 23.45 18.54 -0.71
C LYS B 55 24.12 17.19 -0.95
N VAL B 56 23.66 16.45 -1.96
CA VAL B 56 24.24 15.16 -2.30
C VAL B 56 24.87 15.22 -3.68
N LEU B 57 26.13 14.74 -3.78
CA LEU B 57 26.97 14.73 -5.00
C LEU B 57 27.30 16.16 -5.48
N ASP B 58 28.55 16.61 -5.23
CA ASP B 58 29.03 17.94 -5.61
C ASP B 58 29.77 17.90 -6.95
N LEU B 59 29.06 18.22 -8.04
CA LEU B 59 29.61 18.24 -9.40
C LEU B 59 30.39 19.54 -9.67
N LYS B 60 30.00 20.65 -9.02
CA LYS B 60 30.66 21.94 -9.15
C LYS B 60 32.07 21.89 -8.53
N ASN B 61 32.23 21.17 -7.39
CA ASN B 61 33.51 20.98 -6.70
C ASN B 61 34.36 19.88 -7.34
N TYR B 62 33.94 19.35 -8.50
CA TYR B 62 34.66 18.34 -9.25
C TYR B 62 34.96 18.79 -10.67
N ILE B 63 33.97 19.35 -11.39
CA ILE B 63 34.14 19.81 -12.77
C ILE B 63 35.07 21.04 -12.82
N ASP B 64 34.77 22.06 -12.00
CA ASP B 64 35.58 23.28 -11.93
C ASP B 64 36.92 23.08 -11.19
N LYS B 65 37.02 22.02 -10.34
CA LYS B 65 38.20 21.72 -9.53
C LYS B 65 39.09 20.58 -10.06
N GLN B 66 38.70 19.89 -11.15
CA GLN B 66 39.50 18.79 -11.70
C GLN B 66 39.39 18.60 -13.22
N LEU B 67 38.46 19.30 -13.89
CA LEU B 67 38.27 19.17 -15.35
C LEU B 67 38.37 20.51 -16.10
N LEU B 68 38.27 21.63 -15.37
CA LEU B 68 38.34 23.00 -15.90
C LEU B 68 39.68 23.37 -16.60
N PRO B 69 40.90 23.05 -16.06
CA PRO B 69 42.13 23.47 -16.77
C PRO B 69 42.44 22.77 -18.08
N ILE B 70 41.94 21.52 -18.25
CA ILE B 70 42.17 20.70 -19.44
C ILE B 70 41.32 21.23 -20.63
N VAL B 71 40.04 21.58 -20.37
CA VAL B 71 39.11 22.10 -21.38
C VAL B 71 39.44 23.57 -21.71
N ILE B 81 43.13 8.90 -18.31
CA ILE B 81 42.22 7.75 -18.18
C ILE B 81 41.80 7.50 -16.73
N GLU B 82 42.63 7.92 -15.75
CA GLU B 82 42.32 7.75 -14.32
C GLU B 82 41.26 8.75 -13.84
N THR B 83 41.08 9.86 -14.60
CA THR B 83 40.11 10.90 -14.29
C THR B 83 38.80 10.72 -15.07
N VAL B 84 38.83 10.00 -16.24
CA VAL B 84 37.61 9.75 -17.02
C VAL B 84 36.68 8.76 -16.29
N ILE B 85 37.25 7.65 -15.75
CA ILE B 85 36.51 6.62 -15.01
C ILE B 85 35.94 7.19 -13.70
N GLU B 86 36.69 8.11 -13.05
CA GLU B 86 36.27 8.78 -11.82
C GLU B 86 35.09 9.73 -12.10
N PHE B 87 35.12 10.42 -13.26
CA PHE B 87 34.05 11.33 -13.68
C PHE B 87 32.81 10.54 -14.11
N GLN B 88 33.00 9.44 -14.87
CA GLN B 88 31.94 8.54 -15.34
C GLN B 88 31.09 8.06 -14.16
N GLN B 89 31.76 7.65 -13.06
CA GLN B 89 31.16 7.16 -11.83
C GLN B 89 30.25 8.20 -11.18
N LYS B 90 30.75 9.44 -11.03
CA LYS B 90 29.98 10.53 -10.43
C LYS B 90 28.89 11.09 -11.37
N ASN B 91 29.13 11.06 -12.70
CA ASN B 91 28.18 11.54 -13.70
C ASN B 91 27.00 10.57 -13.89
N ASN B 92 27.21 9.26 -13.60
CA ASN B 92 26.20 8.20 -13.74
C ASN B 92 24.94 8.47 -12.92
N ARG B 93 25.09 8.97 -11.68
CA ARG B 93 23.95 9.26 -10.81
C ARG B 93 23.03 10.33 -11.41
N LEU B 94 23.58 11.43 -11.94
CA LEU B 94 22.77 12.49 -12.58
C LEU B 94 22.19 12.01 -13.92
N LEU B 95 22.85 11.05 -14.58
CA LEU B 95 22.38 10.48 -15.84
C LEU B 95 21.19 9.54 -15.65
N GLU B 96 21.13 8.84 -14.49
CA GLU B 96 20.04 7.91 -14.14
C GLU B 96 18.86 8.67 -13.56
N ILE B 97 19.11 9.73 -12.75
CA ILE B 97 18.07 10.58 -12.17
C ILE B 97 17.30 11.26 -13.30
N THR B 98 18.02 11.78 -14.31
CA THR B 98 17.42 12.45 -15.48
C THR B 98 16.61 11.43 -16.33
N ARG B 99 17.08 10.17 -16.42
CA ARG B 99 16.44 9.07 -17.16
C ARG B 99 15.08 8.76 -16.56
N GLU B 100 15.00 8.77 -15.21
CA GLU B 100 13.83 8.49 -14.41
C GLU B 100 12.77 9.58 -14.50
N PHE B 101 13.19 10.85 -14.36
CA PHE B 101 12.30 12.01 -14.44
C PHE B 101 11.74 12.25 -15.84
N SER B 102 12.34 11.61 -16.86
CA SER B 102 11.91 11.74 -18.25
C SER B 102 10.72 10.84 -18.55
N VAL B 103 10.77 9.57 -18.12
CA VAL B 103 9.71 8.60 -18.35
C VAL B 103 8.57 8.71 -17.32
N ASN B 104 8.87 9.13 -16.09
CA ASN B 104 7.86 9.23 -15.03
C ASN B 104 7.23 10.63 -14.88
N ALA B 105 7.54 11.56 -15.80
CA ALA B 105 6.99 12.92 -15.88
C ALA B 105 7.11 13.76 -14.57
N GLY B 106 8.25 13.67 -13.90
CA GLY B 106 8.51 14.42 -12.67
C GLY B 106 8.33 13.67 -11.37
N VAL B 107 7.18 12.99 -11.21
CA VAL B 107 6.84 12.21 -10.00
C VAL B 107 7.27 10.75 -10.16
N THR B 108 8.11 10.25 -9.23
CA THR B 108 8.55 8.85 -9.25
C THR B 108 8.24 8.19 -7.91
N THR B 109 7.76 6.94 -7.96
CA THR B 109 7.46 6.14 -6.78
C THR B 109 7.61 4.64 -7.11
N PRO B 110 8.40 3.86 -6.33
CA PRO B 110 9.17 4.21 -5.13
C PRO B 110 10.38 5.10 -5.42
N VAL B 111 10.98 5.69 -4.37
CA VAL B 111 12.16 6.53 -4.49
C VAL B 111 13.38 5.63 -4.68
N SER B 112 13.99 5.70 -5.89
CA SER B 112 15.13 4.89 -6.30
C SER B 112 16.41 5.13 -5.49
N THR B 113 17.37 4.20 -5.57
CA THR B 113 18.64 4.29 -4.89
C THR B 113 19.47 5.43 -5.47
N TYR B 114 19.30 5.72 -6.77
CA TYR B 114 19.96 6.82 -7.47
C TYR B 114 19.42 8.16 -6.95
N MET B 115 18.10 8.23 -6.70
CA MET B 115 17.38 9.40 -6.18
C MET B 115 17.80 9.72 -4.74
N LEU B 116 17.99 8.66 -3.92
CA LEU B 116 18.38 8.71 -2.52
C LEU B 116 18.93 7.34 -2.15
N THR B 117 20.22 7.29 -1.75
CA THR B 117 20.87 6.02 -1.38
C THR B 117 20.39 5.53 0.00
N ASN B 118 20.61 4.24 0.30
CA ASN B 118 20.21 3.62 1.56
C ASN B 118 20.88 4.29 2.76
N SER B 119 22.18 4.65 2.62
CA SER B 119 22.96 5.34 3.64
C SER B 119 22.43 6.76 3.84
N GLU B 120 22.00 7.42 2.74
CA GLU B 120 21.42 8.76 2.74
C GLU B 120 20.05 8.76 3.41
N LEU B 121 19.19 7.77 3.03
CA LEU B 121 17.84 7.58 3.55
C LEU B 121 17.85 7.31 5.05
N LEU B 122 18.68 6.33 5.51
CA LEU B 122 18.80 5.99 6.92
C LEU B 122 19.23 7.19 7.76
N SER B 123 20.13 8.04 7.20
CA SER B 123 20.61 9.27 7.84
C SER B 123 19.54 10.36 7.83
N LEU B 124 18.73 10.41 6.74
CA LEU B 124 17.63 11.38 6.59
C LEU B 124 16.52 11.11 7.60
N ILE B 125 16.30 9.83 7.94
CA ILE B 125 15.31 9.40 8.93
C ILE B 125 15.82 9.80 10.32
N ASN B 126 17.11 9.55 10.59
CA ASN B 126 17.77 9.86 11.85
C ASN B 126 17.91 11.36 12.13
N ASP B 127 17.91 12.20 11.09
CA ASP B 127 18.03 13.66 11.21
C ASP B 127 16.68 14.37 11.42
N MET B 128 15.57 13.65 11.23
CA MET B 128 14.20 14.15 11.38
C MET B 128 13.83 14.49 12.85
N PRO B 129 13.00 15.54 13.11
CA PRO B 129 12.62 15.84 14.49
C PRO B 129 11.39 15.03 14.91
N ILE B 130 11.52 13.70 14.90
CA ILE B 130 10.45 12.75 15.25
C ILE B 130 10.83 11.90 16.47
N THR B 131 9.86 11.11 16.97
CA THR B 131 9.99 10.22 18.14
C THR B 131 11.10 9.19 17.94
N ASN B 132 11.77 8.81 19.05
CA ASN B 132 12.84 7.80 19.05
C ASN B 132 12.30 6.41 18.67
N ASP B 133 10.99 6.18 18.89
CA ASP B 133 10.30 4.94 18.56
C ASP B 133 10.00 4.85 17.06
N GLN B 134 9.50 5.95 16.45
CA GLN B 134 9.16 6.02 15.02
C GLN B 134 10.38 5.86 14.11
N LYS B 135 11.55 6.34 14.57
CA LYS B 135 12.83 6.27 13.83
C LYS B 135 13.23 4.82 13.55
N LYS B 136 13.17 3.94 14.58
CA LYS B 136 13.51 2.51 14.49
C LYS B 136 12.58 1.76 13.53
N LEU B 137 11.25 2.00 13.63
CA LEU B 137 10.20 1.42 12.78
C LEU B 137 10.52 1.71 11.32
N MET B 138 10.86 2.97 11.01
CA MET B 138 11.20 3.45 9.68
C MET B 138 12.53 2.85 9.20
N SER B 139 13.56 2.81 10.08
CA SER B 139 14.89 2.28 9.80
C SER B 139 14.89 0.77 9.53
N SER B 140 14.11 0.00 10.29
CA SER B 140 14.01 -1.45 10.17
C SER B 140 13.24 -1.89 8.95
N ASN B 141 12.31 -1.04 8.46
CA ASN B 141 11.46 -1.32 7.31
C ASN B 141 11.63 -0.24 6.20
N VAL B 142 12.89 0.15 5.89
CA VAL B 142 13.25 1.16 4.86
C VAL B 142 12.69 0.81 3.48
N GLN B 143 12.66 -0.48 3.14
CA GLN B 143 12.12 -1.01 1.88
C GLN B 143 10.63 -0.64 1.71
N ILE B 144 9.86 -0.64 2.83
CA ILE B 144 8.44 -0.26 2.90
C ILE B 144 8.34 1.27 2.82
N VAL B 145 9.22 1.99 3.56
CA VAL B 145 9.30 3.46 3.58
C VAL B 145 9.52 3.97 2.14
N ARG B 146 10.46 3.33 1.41
CA ARG B 146 10.82 3.62 0.01
C ARG B 146 9.63 3.50 -0.89
N GLN B 147 8.91 2.37 -0.77
CA GLN B 147 7.71 2.03 -1.53
C GLN B 147 6.60 3.05 -1.30
N GLN B 148 6.51 3.55 -0.05
CA GLN B 148 5.49 4.52 0.35
C GLN B 148 5.83 5.96 -0.07
N SER B 149 7.14 6.26 -0.22
CA SER B 149 7.66 7.58 -0.60
C SER B 149 7.42 7.98 -2.06
N TYR B 150 7.51 9.30 -2.32
CA TYR B 150 7.36 9.97 -3.62
C TYR B 150 8.61 10.84 -3.86
N SER B 151 8.89 11.20 -5.12
CA SER B 151 10.00 12.07 -5.51
C SER B 151 9.57 12.94 -6.68
N ILE B 152 9.40 14.25 -6.42
CA ILE B 152 8.90 15.22 -7.40
C ILE B 152 10.00 16.17 -7.86
N MET B 153 10.04 16.45 -9.17
CA MET B 153 10.96 17.39 -9.80
C MET B 153 10.42 18.82 -9.62
N SER B 154 11.30 19.80 -9.28
CA SER B 154 10.89 21.19 -9.05
C SER B 154 11.58 22.23 -9.94
N ILE B 155 12.88 22.49 -9.69
CA ILE B 155 13.69 23.50 -10.39
C ILE B 155 15.14 23.09 -10.63
N ILE B 156 15.79 23.79 -11.60
CA ILE B 156 17.20 23.64 -11.96
C ILE B 156 17.88 25.04 -11.88
N LYS B 157 17.06 26.12 -12.04
CA LYS B 157 17.32 27.57 -12.01
C LYS B 157 18.82 28.00 -12.05
N GLU B 158 19.50 28.07 -10.89
CA GLU B 158 20.89 28.53 -10.82
C GLU B 158 21.83 27.53 -10.13
N GLU B 159 22.76 26.93 -10.93
CA GLU B 159 23.83 25.96 -10.61
C GLU B 159 23.51 24.92 -9.50
N VAL B 160 22.22 24.55 -9.34
CA VAL B 160 21.78 23.53 -8.37
C VAL B 160 20.45 22.87 -8.83
N LEU B 161 20.45 21.52 -8.87
CA LEU B 161 19.28 20.72 -9.24
C LEU B 161 18.55 20.31 -7.98
N ALA B 162 17.29 20.74 -7.85
CA ALA B 162 16.47 20.44 -6.68
C ALA B 162 15.21 19.65 -7.03
N TYR B 163 14.95 18.60 -6.23
CA TYR B 163 13.78 17.73 -6.35
C TYR B 163 13.28 17.33 -4.95
N VAL B 164 11.97 17.53 -4.70
CA VAL B 164 11.32 17.28 -3.41
C VAL B 164 11.06 15.79 -3.17
N VAL B 165 11.53 15.27 -2.03
CA VAL B 165 11.32 13.89 -1.62
C VAL B 165 10.38 13.85 -0.42
N GLN B 166 9.16 13.36 -0.69
CA GLN B 166 8.04 13.22 0.24
C GLN B 166 8.12 11.81 0.88
N LEU B 167 8.41 11.76 2.19
CA LEU B 167 8.55 10.51 2.97
C LEU B 167 7.28 10.27 3.80
N PRO B 168 6.91 9.01 4.14
CA PRO B 168 5.69 8.81 4.92
C PRO B 168 5.85 9.00 6.42
N LEU B 169 4.76 9.43 7.10
CA LEU B 169 4.72 9.62 8.56
C LEU B 169 3.68 8.68 9.16
N TYR B 170 4.02 7.94 10.22
CA TYR B 170 3.07 7.01 10.81
C TYR B 170 2.56 7.49 12.16
N GLY B 171 1.50 8.29 12.12
CA GLY B 171 0.85 8.86 13.30
C GLY B 171 0.26 7.80 14.19
N VAL B 172 -0.27 6.74 13.56
CA VAL B 172 -0.87 5.61 14.27
C VAL B 172 0.12 4.46 14.21
N ILE B 173 0.59 4.02 15.39
CA ILE B 173 1.57 2.96 15.57
C ILE B 173 1.22 2.07 16.78
N ASP B 174 1.53 0.76 16.67
CA ASP B 174 1.36 -0.28 17.69
C ASP B 174 -0.10 -0.50 18.15
N THR B 175 -1.11 0.02 17.41
CA THR B 175 -2.52 -0.22 17.77
C THR B 175 -2.96 -1.55 17.16
N PRO B 176 -3.95 -2.26 17.72
CA PRO B 176 -4.33 -3.57 17.14
C PRO B 176 -4.93 -3.54 15.75
N CYS B 177 -4.59 -4.56 14.96
CA CYS B 177 -5.08 -4.74 13.59
C CYS B 177 -5.53 -6.16 13.37
N TRP B 178 -6.52 -6.34 12.47
CA TRP B 178 -7.07 -7.64 12.14
C TRP B 178 -7.55 -7.71 10.72
N LYS B 179 -7.16 -8.79 10.04
CA LYS B 179 -7.54 -9.00 8.65
C LYS B 179 -8.81 -9.85 8.63
N LEU B 180 -9.85 -9.37 7.94
CA LEU B 180 -11.09 -10.12 7.82
C LEU B 180 -11.16 -10.74 6.44
N HIS B 181 -11.26 -12.08 6.39
CA HIS B 181 -11.37 -12.87 5.16
C HIS B 181 -12.81 -13.36 5.10
N THR B 182 -13.45 -13.25 3.93
CA THR B 182 -14.83 -13.70 3.73
C THR B 182 -14.94 -14.53 2.45
N SER B 183 -15.92 -15.44 2.38
CA SER B 183 -16.15 -16.30 1.22
C SER B 183 -17.66 -16.53 1.03
N PRO B 184 -18.14 -16.94 -0.17
CA PRO B 184 -19.59 -17.09 -0.35
C PRO B 184 -20.19 -18.26 0.40
N LEU B 185 -21.36 -18.02 0.99
CA LEU B 185 -22.14 -18.98 1.76
C LEU B 185 -23.44 -19.24 0.98
N CYS B 186 -23.51 -20.43 0.35
CA CYS B 186 -24.64 -20.86 -0.47
C CYS B 186 -25.31 -22.07 0.12
N THR B 187 -26.57 -22.29 -0.31
CA THR B 187 -27.35 -23.47 0.04
C THR B 187 -26.80 -24.63 -0.80
N THR B 188 -26.81 -25.84 -0.26
CA THR B 188 -26.23 -27.01 -0.91
C THR B 188 -27.26 -28.09 -1.24
N ASN B 189 -28.18 -27.78 -2.17
CA ASN B 189 -29.19 -28.75 -2.59
C ASN B 189 -28.80 -29.41 -3.92
N THR B 190 -29.31 -30.64 -4.13
CA THR B 190 -29.06 -31.50 -5.29
C THR B 190 -29.42 -30.86 -6.64
N LYS B 191 -30.42 -29.95 -6.67
CA LYS B 191 -30.92 -29.25 -7.86
C LYS B 191 -29.84 -28.47 -8.62
N GLU B 192 -30.07 -28.23 -9.93
CA GLU B 192 -29.17 -27.51 -10.83
C GLU B 192 -29.05 -26.03 -10.41
N GLY B 193 -30.20 -25.41 -10.13
CA GLY B 193 -30.30 -24.03 -9.67
C GLY B 193 -30.86 -23.98 -8.26
N SER B 194 -31.90 -23.14 -8.04
CA SER B 194 -32.62 -22.96 -6.76
C SER B 194 -31.75 -22.69 -5.51
N ASN B 195 -30.46 -22.39 -5.72
CA ASN B 195 -29.51 -22.12 -4.65
C ASN B 195 -29.30 -20.64 -4.38
N ILE B 196 -29.58 -20.21 -3.15
CA ILE B 196 -29.38 -18.83 -2.74
C ILE B 196 -28.00 -18.68 -2.10
N CYS B 197 -27.32 -17.56 -2.36
CA CYS B 197 -25.99 -17.30 -1.84
C CYS B 197 -25.94 -16.00 -1.03
N LEU B 198 -24.83 -15.80 -0.27
CA LEU B 198 -24.62 -14.66 0.63
C LEU B 198 -23.12 -14.53 0.93
N THR B 199 -22.53 -13.34 0.66
CA THR B 199 -21.09 -13.10 0.93
C THR B 199 -20.92 -11.82 1.73
N ARG B 200 -20.07 -11.83 2.78
CA ARG B 200 -19.81 -10.62 3.57
C ARG B 200 -18.88 -9.70 2.78
N THR B 201 -19.38 -8.53 2.36
CA THR B 201 -18.61 -7.58 1.56
C THR B 201 -17.58 -6.79 2.39
N ASP B 202 -17.72 -6.79 3.73
CA ASP B 202 -16.86 -6.06 4.67
C ASP B 202 -15.42 -6.63 4.83
N ARG B 203 -14.97 -7.47 3.88
CA ARG B 203 -13.61 -8.03 3.89
C ARG B 203 -12.56 -6.93 3.74
N GLY B 204 -11.40 -7.14 4.37
CA GLY B 204 -10.28 -6.21 4.34
C GLY B 204 -9.55 -6.09 5.67
N TRP B 205 -8.59 -5.14 5.74
CA TRP B 205 -7.79 -4.85 6.95
C TRP B 205 -8.53 -3.89 7.84
N TYR B 206 -8.42 -4.11 9.15
CA TYR B 206 -9.05 -3.27 10.16
C TYR B 206 -8.04 -2.90 11.22
N CYS B 207 -7.88 -1.60 11.48
CA CYS B 207 -6.96 -1.14 12.51
C CYS B 207 -7.66 -0.22 13.46
N ASP B 208 -7.50 -0.48 14.76
CA ASP B 208 -8.09 0.39 15.76
C ASP B 208 -7.34 1.73 15.66
N ASN B 209 -8.09 2.85 15.57
CA ASN B 209 -7.52 4.21 15.41
C ASN B 209 -8.45 5.30 15.97
N ALA B 210 -7.97 6.02 17.02
CA ALA B 210 -8.61 7.14 17.73
C ALA B 210 -10.14 7.02 17.90
N GLY B 211 -10.55 6.05 18.72
CA GLY B 211 -11.96 5.80 19.02
C GLY B 211 -12.76 5.13 17.92
N SER B 212 -12.23 5.19 16.70
CA SER B 212 -12.87 4.60 15.53
C SER B 212 -12.03 3.42 15.04
N VAL B 213 -12.39 2.86 13.89
CA VAL B 213 -11.68 1.74 13.31
C VAL B 213 -11.37 2.10 11.85
N SER B 214 -10.10 2.28 11.54
CA SER B 214 -9.71 2.58 10.17
C SER B 214 -9.74 1.27 9.40
N PHE B 215 -10.70 1.18 8.46
CA PHE B 215 -10.98 0.03 7.61
C PHE B 215 -10.44 0.23 6.21
N PHE B 216 -9.65 -0.73 5.73
CA PHE B 216 -9.03 -0.71 4.40
C PHE B 216 -9.75 -1.79 3.58
N PRO B 217 -10.75 -1.42 2.74
CA PRO B 217 -11.52 -2.44 2.00
C PRO B 217 -10.70 -3.22 0.97
N GLN B 218 -9.71 -2.56 0.36
CA GLN B 218 -8.84 -3.22 -0.61
C GLN B 218 -7.51 -3.57 0.08
N ALA B 219 -7.55 -4.66 0.92
CA ALA B 219 -6.44 -5.19 1.74
C ALA B 219 -5.12 -5.45 0.99
N GLU B 220 -5.14 -5.35 -0.36
CA GLU B 220 -3.98 -5.50 -1.23
C GLU B 220 -3.07 -4.28 -1.06
N THR B 221 -3.66 -3.13 -0.66
CA THR B 221 -2.97 -1.85 -0.46
C THR B 221 -2.24 -1.75 0.91
N CYS B 222 -2.16 -2.87 1.63
CA CYS B 222 -1.51 -2.98 2.94
C CYS B 222 -0.31 -3.93 2.87
N LYS B 223 0.87 -3.43 3.28
CA LYS B 223 2.11 -4.20 3.33
C LYS B 223 2.27 -4.78 4.74
N VAL B 224 2.57 -6.07 4.85
CA VAL B 224 2.63 -6.67 6.21
C VAL B 224 4.00 -7.27 6.45
N GLN B 225 4.80 -6.68 7.33
CA GLN B 225 6.11 -7.31 7.70
C GLN B 225 5.94 -7.87 9.11
N SER B 226 5.96 -9.19 9.26
CA SER B 226 5.68 -9.81 10.58
C SER B 226 4.31 -9.35 11.05
N ASN B 227 4.20 -8.88 12.29
CA ASN B 227 2.92 -8.32 12.80
C ASN B 227 2.59 -6.99 12.14
N ARG B 228 3.58 -6.13 11.90
CA ARG B 228 3.32 -4.74 11.43
C ARG B 228 2.47 -4.64 10.15
N VAL B 229 1.34 -3.95 10.21
CA VAL B 229 0.48 -3.65 9.07
C VAL B 229 0.67 -2.20 8.63
N PHE B 230 1.35 -2.02 7.49
CA PHE B 230 1.60 -0.70 6.90
C PHE B 230 0.49 -0.40 5.91
N CYS B 231 -0.37 0.57 6.24
CA CYS B 231 -1.47 0.99 5.37
C CYS B 231 -1.48 2.50 5.22
N ASP B 232 -2.18 2.99 4.19
CA ASP B 232 -2.32 4.41 3.93
C ASP B 232 -3.77 4.78 4.22
N THR B 233 -3.98 5.74 5.15
CA THR B 233 -5.29 6.25 5.60
C THR B 233 -6.18 6.66 4.43
N MET B 234 -5.56 7.12 3.32
CA MET B 234 -6.23 7.53 2.08
C MET B 234 -6.98 6.36 1.44
N ASN B 235 -6.55 5.11 1.74
CA ASN B 235 -7.16 3.87 1.25
C ASN B 235 -8.15 3.30 2.30
N SER B 236 -8.49 4.10 3.32
CA SER B 236 -9.37 3.68 4.39
C SER B 236 -10.66 4.44 4.46
N LEU B 237 -11.64 3.80 5.09
CA LEU B 237 -12.93 4.35 5.49
C LEU B 237 -12.85 4.26 7.01
N THR B 238 -13.16 5.34 7.71
CA THR B 238 -13.10 5.36 9.17
C THR B 238 -14.50 4.98 9.70
N LEU B 239 -14.60 3.78 10.29
CA LEU B 239 -15.87 3.18 10.75
C LEU B 239 -16.01 3.08 12.27
N PRO B 240 -17.25 3.06 12.80
CA PRO B 240 -17.41 2.95 14.26
C PRO B 240 -17.05 1.56 14.79
N SER B 241 -16.42 1.50 15.98
CA SER B 241 -15.97 0.28 16.67
C SER B 241 -16.99 -0.87 16.66
N GLU B 242 -18.30 -0.51 16.59
CA GLU B 242 -19.41 -1.48 16.50
C GLU B 242 -19.40 -2.30 15.20
N VAL B 243 -18.42 -2.04 14.30
CA VAL B 243 -18.24 -2.78 13.05
C VAL B 243 -17.78 -4.23 13.36
N ASN B 244 -16.99 -4.41 14.45
CA ASN B 244 -16.47 -5.70 14.89
C ASN B 244 -17.59 -6.64 15.41
N LEU B 245 -18.80 -6.10 15.62
CA LEU B 245 -19.97 -6.86 16.05
C LEU B 245 -20.46 -7.79 14.95
N CYS B 246 -20.16 -7.47 13.67
CA CYS B 246 -20.54 -8.26 12.50
C CYS B 246 -19.87 -9.63 12.45
N ASN B 247 -18.78 -9.80 13.21
CA ASN B 247 -18.02 -11.03 13.31
C ASN B 247 -18.59 -11.97 14.36
N ILE B 248 -19.08 -11.39 15.48
CA ILE B 248 -19.63 -12.13 16.61
C ILE B 248 -21.17 -12.32 16.52
N ASP B 249 -21.89 -11.33 15.94
CA ASP B 249 -23.34 -11.37 15.73
C ASP B 249 -23.69 -10.49 14.52
N ILE B 250 -23.88 -11.11 13.35
CA ILE B 250 -24.17 -10.42 12.08
C ILE B 250 -25.56 -9.75 12.07
N PHE B 251 -26.47 -10.23 12.92
CA PHE B 251 -27.83 -9.69 13.01
C PHE B 251 -28.00 -8.65 14.12
N ASN B 252 -26.89 -8.07 14.60
CA ASN B 252 -26.88 -7.08 15.67
C ASN B 252 -27.59 -5.77 15.28
N PRO B 253 -28.37 -5.15 16.20
CA PRO B 253 -29.07 -3.90 15.84
C PRO B 253 -28.14 -2.69 15.84
N LYS B 254 -27.04 -2.76 16.60
CA LYS B 254 -26.04 -1.70 16.75
C LYS B 254 -25.32 -1.32 15.45
N TYR B 255 -25.24 -2.27 14.48
CA TYR B 255 -24.56 -2.06 13.19
C TYR B 255 -25.18 -2.88 12.06
N ASP B 256 -25.33 -2.25 10.88
CA ASP B 256 -25.90 -2.86 9.68
C ASP B 256 -24.79 -3.45 8.83
N CYS B 257 -24.61 -4.77 8.99
CA CYS B 257 -23.55 -5.58 8.37
C CYS B 257 -23.67 -5.71 6.84
N LYS B 258 -22.60 -5.26 6.13
CA LYS B 258 -22.51 -5.30 4.68
C LYS B 258 -22.39 -6.73 4.13
N ILE B 259 -23.28 -7.07 3.17
CA ILE B 259 -23.38 -8.37 2.49
C ILE B 259 -23.84 -8.23 1.04
N MET B 260 -23.53 -9.25 0.21
CA MET B 260 -23.98 -9.32 -1.17
C MET B 260 -24.66 -10.66 -1.41
N THR B 261 -25.82 -10.61 -2.08
CA THR B 261 -26.62 -11.79 -2.38
C THR B 261 -26.54 -12.13 -3.85
N SER B 262 -26.56 -13.44 -4.14
CA SER B 262 -26.54 -13.97 -5.51
C SER B 262 -27.13 -15.38 -5.49
N LYS B 263 -27.07 -16.05 -6.65
CA LYS B 263 -27.47 -17.43 -6.85
C LYS B 263 -26.25 -18.15 -7.44
N THR B 264 -25.14 -17.38 -7.63
CA THR B 264 -23.85 -17.81 -8.18
C THR B 264 -23.10 -18.81 -7.23
N ASP B 265 -23.62 -20.06 -7.21
CA ASP B 265 -23.22 -21.25 -6.47
C ASP B 265 -21.86 -21.73 -7.06
N VAL B 266 -20.72 -21.07 -6.69
CA VAL B 266 -19.38 -21.37 -7.25
C VAL B 266 -18.33 -21.73 -6.18
N SER B 267 -17.51 -22.77 -6.46
CA SER B 267 -16.44 -23.18 -5.56
C SER B 267 -15.22 -22.31 -5.69
N SER B 268 -14.63 -21.94 -4.54
CA SER B 268 -13.43 -21.10 -4.41
C SER B 268 -12.81 -21.28 -3.02
N SER B 269 -11.57 -20.78 -2.83
CA SER B 269 -10.92 -20.84 -1.53
C SER B 269 -10.17 -19.57 -1.22
N VAL B 270 -10.29 -19.13 0.02
CA VAL B 270 -9.62 -17.93 0.53
C VAL B 270 -8.53 -18.40 1.49
N ILE B 271 -7.26 -18.07 1.18
CA ILE B 271 -6.14 -18.47 2.02
C ILE B 271 -5.90 -17.40 3.07
N THR B 272 -6.32 -17.71 4.30
CA THR B 272 -6.18 -16.84 5.47
C THR B 272 -4.75 -16.92 6.03
N SER B 273 -4.45 -16.09 7.05
CA SER B 273 -3.16 -16.01 7.72
C SER B 273 -2.73 -17.35 8.31
N LEU B 274 -3.62 -17.98 9.09
CA LEU B 274 -3.35 -19.23 9.76
C LEU B 274 -4.26 -20.39 9.30
N GLY B 275 -4.42 -20.54 7.98
CA GLY B 275 -5.26 -21.59 7.43
C GLY B 275 -5.88 -21.22 6.11
N ALA B 276 -7.09 -21.75 5.82
CA ALA B 276 -7.81 -21.50 4.57
C ALA B 276 -9.30 -21.80 4.67
N ILE B 277 -10.15 -20.86 4.18
CA ILE B 277 -11.62 -21.03 4.10
C ILE B 277 -11.86 -21.74 2.77
N VAL B 278 -12.82 -22.68 2.72
CA VAL B 278 -13.13 -23.37 1.46
C VAL B 278 -14.62 -23.35 1.18
N SER B 279 -15.02 -22.61 0.13
CA SER B 279 -16.40 -22.57 -0.33
C SER B 279 -16.49 -23.65 -1.40
N CYS B 280 -17.04 -24.82 -1.06
CA CYS B 280 -17.14 -25.94 -2.00
C CYS B 280 -18.56 -26.24 -2.45
N TYR B 281 -18.87 -26.00 -3.72
CA TYR B 281 -20.21 -26.21 -4.25
C TYR B 281 -20.27 -27.04 -5.50
N GLY B 282 -21.35 -27.79 -5.63
CA GLY B 282 -21.63 -28.66 -6.77
C GLY B 282 -20.76 -29.89 -6.83
N LYS B 283 -20.32 -30.25 -8.05
CA LYS B 283 -19.51 -31.44 -8.30
C LYS B 283 -18.01 -31.14 -8.19
N THR B 284 -17.63 -30.13 -7.38
CA THR B 284 -16.23 -29.71 -7.22
C THR B 284 -15.44 -30.57 -6.24
N LYS B 285 -14.22 -30.93 -6.67
CA LYS B 285 -13.29 -31.67 -5.84
C LYS B 285 -12.53 -30.64 -4.99
N CYS B 286 -12.87 -30.60 -3.69
CA CYS B 286 -12.19 -29.71 -2.75
C CYS B 286 -11.46 -30.58 -1.74
N THR B 287 -10.17 -30.29 -1.56
CA THR B 287 -9.26 -31.09 -0.79
C THR B 287 -8.17 -30.27 -0.08
N ALA B 288 -7.78 -30.73 1.12
CA ALA B 288 -6.67 -30.16 1.89
C ALA B 288 -5.63 -31.27 1.95
N SER B 289 -4.38 -30.95 1.60
CA SER B 289 -3.31 -31.94 1.57
C SER B 289 -2.03 -31.52 2.26
N ASN B 290 -1.27 -32.52 2.71
CA ASN B 290 0.05 -32.37 3.31
C ASN B 290 1.06 -32.83 2.23
N LYS B 291 2.22 -32.16 2.16
CA LYS B 291 3.31 -32.42 1.20
C LYS B 291 3.75 -33.89 1.11
N ASN B 292 3.80 -34.60 2.25
CA ASN B 292 4.22 -35.99 2.32
C ASN B 292 3.04 -36.98 2.28
N ARG B 293 2.16 -36.92 3.30
CA ARG B 293 1.01 -37.78 3.53
C ARG B 293 -0.04 -37.81 2.40
N GLY B 294 -0.17 -36.72 1.65
CA GLY B 294 -1.16 -36.61 0.58
C GLY B 294 -2.43 -35.94 1.08
N ILE B 295 -3.59 -36.34 0.53
CA ILE B 295 -4.92 -35.78 0.89
C ILE B 295 -5.32 -36.16 2.32
N ILE B 296 -5.33 -35.18 3.22
CA ILE B 296 -5.66 -35.37 4.63
C ILE B 296 -7.14 -34.99 4.94
N LYS B 297 -7.78 -34.22 4.03
CA LYS B 297 -9.16 -33.79 4.19
C LYS B 297 -9.85 -33.60 2.83
N THR B 298 -11.09 -34.12 2.73
CA THR B 298 -11.91 -33.97 1.54
C THR B 298 -13.08 -33.08 1.96
N PHE B 299 -13.17 -31.87 1.38
CA PHE B 299 -14.21 -30.92 1.72
C PHE B 299 -15.57 -31.24 1.15
N SER B 300 -16.55 -31.37 2.04
CA SER B 300 -17.95 -31.61 1.73
C SER B 300 -18.57 -30.29 1.27
N ASN B 301 -19.72 -30.36 0.57
CA ASN B 301 -20.43 -29.21 0.03
C ASN B 301 -20.84 -28.19 1.09
N GLY B 302 -20.49 -26.94 0.85
CA GLY B 302 -20.74 -25.80 1.72
C GLY B 302 -19.47 -25.03 2.02
N CYS B 303 -19.50 -24.22 3.09
CA CYS B 303 -18.35 -23.43 3.52
C CYS B 303 -17.75 -23.94 4.83
N ASP B 304 -16.55 -24.51 4.72
CA ASP B 304 -15.77 -25.09 5.81
C ASP B 304 -14.43 -24.35 5.89
N TYR B 305 -13.50 -24.82 6.73
CA TYR B 305 -12.18 -24.23 6.92
C TYR B 305 -11.23 -25.26 7.47
N VAL B 306 -9.94 -25.12 7.16
CA VAL B 306 -8.91 -25.99 7.66
C VAL B 306 -7.71 -25.14 8.16
N SER B 307 -7.15 -25.54 9.30
CA SER B 307 -6.03 -24.87 9.94
C SER B 307 -4.75 -25.16 9.16
N ASN B 308 -3.78 -24.23 9.23
CA ASN B 308 -2.48 -24.39 8.55
C ASN B 308 -1.59 -25.47 9.19
N LYS B 309 -1.88 -25.82 10.46
CA LYS B 309 -1.17 -26.84 11.22
C LYS B 309 -1.42 -28.22 10.60
N GLY B 310 -0.40 -28.72 9.93
CA GLY B 310 -0.41 -30.00 9.24
C GLY B 310 -0.58 -29.87 7.74
N VAL B 311 -1.56 -29.04 7.33
CA VAL B 311 -1.88 -28.82 5.91
C VAL B 311 -0.82 -27.94 5.25
N ASP B 312 -0.39 -28.33 4.04
CA ASP B 312 0.61 -27.58 3.25
C ASP B 312 0.01 -26.99 1.98
N THR B 313 -1.10 -27.58 1.49
CA THR B 313 -1.79 -27.15 0.28
C THR B 313 -3.32 -27.36 0.34
N VAL B 314 -4.07 -26.54 -0.40
CA VAL B 314 -5.53 -26.66 -0.53
C VAL B 314 -5.86 -26.58 -2.02
N SER B 315 -6.57 -27.58 -2.54
CA SER B 315 -6.91 -27.61 -3.95
C SER B 315 -8.41 -27.58 -4.12
N VAL B 316 -8.91 -26.62 -4.90
CA VAL B 316 -10.34 -26.49 -5.21
C VAL B 316 -10.44 -26.69 -6.72
N GLY B 317 -11.20 -27.69 -7.13
CA GLY B 317 -11.36 -28.03 -8.54
C GLY B 317 -10.00 -28.25 -9.18
N ASN B 318 -9.63 -27.36 -10.10
CA ASN B 318 -8.35 -27.45 -10.81
C ASN B 318 -7.33 -26.39 -10.34
N THR B 319 -7.64 -25.63 -9.28
CA THR B 319 -6.68 -24.60 -8.82
C THR B 319 -6.10 -24.92 -7.42
N LEU B 320 -4.79 -25.20 -7.39
CA LEU B 320 -4.05 -25.52 -6.15
C LEU B 320 -3.53 -24.25 -5.51
N TYR B 321 -3.81 -24.08 -4.22
CA TYR B 321 -3.39 -22.94 -3.42
C TYR B 321 -2.41 -23.42 -2.36
N TYR B 322 -1.46 -22.53 -1.95
CA TYR B 322 -0.49 -22.83 -0.90
C TYR B 322 -0.85 -22.13 0.39
N VAL B 323 -0.92 -22.90 1.49
CA VAL B 323 -1.26 -22.39 2.81
C VAL B 323 -0.06 -21.64 3.36
N ASN B 324 -0.31 -20.60 4.17
CA ASN B 324 0.72 -19.79 4.84
C ASN B 324 1.21 -20.58 6.04
N LYS B 325 2.53 -20.77 6.12
CA LYS B 325 3.12 -21.56 7.18
C LYS B 325 3.56 -20.72 8.39
N GLN B 326 2.80 -19.65 8.69
CA GLN B 326 3.02 -18.75 9.82
C GLN B 326 2.55 -19.44 11.09
N GLU B 327 3.32 -19.32 12.19
CA GLU B 327 2.94 -19.94 13.46
C GLU B 327 1.85 -19.14 14.17
N GLY B 328 0.87 -19.84 14.71
CA GLY B 328 -0.25 -19.24 15.42
C GLY B 328 -1.40 -20.19 15.64
N LYS B 329 -2.20 -19.94 16.70
CA LYS B 329 -3.36 -20.77 17.04
C LYS B 329 -4.65 -20.22 16.45
N SER B 330 -5.45 -21.09 15.78
CA SER B 330 -6.70 -20.75 15.14
C SER B 330 -7.89 -21.55 15.65
N LEU B 331 -8.99 -20.85 16.00
CA LEU B 331 -10.21 -21.44 16.54
C LEU B 331 -11.36 -21.51 15.55
N TYR B 332 -11.98 -22.70 15.43
CA TYR B 332 -13.13 -22.92 14.57
C TYR B 332 -14.37 -22.65 15.40
N VAL B 333 -15.07 -21.56 15.09
CA VAL B 333 -16.29 -21.17 15.77
C VAL B 333 -17.48 -21.78 15.03
N LYS B 334 -17.95 -22.95 15.50
CA LYS B 334 -19.08 -23.67 14.91
C LYS B 334 -20.36 -22.84 14.98
N GLY B 335 -21.25 -23.02 14.01
CA GLY B 335 -22.50 -22.28 13.94
C GLY B 335 -23.35 -22.60 12.73
N GLU B 336 -24.66 -22.40 12.84
CA GLU B 336 -25.58 -22.65 11.74
C GLU B 336 -25.40 -21.59 10.65
N PRO B 337 -25.15 -22.03 9.40
CA PRO B 337 -24.97 -21.07 8.30
C PRO B 337 -26.20 -20.21 8.01
N ILE B 338 -26.02 -18.90 8.20
CA ILE B 338 -26.94 -17.78 8.03
C ILE B 338 -27.93 -17.95 6.85
N ILE B 339 -27.43 -18.49 5.71
CA ILE B 339 -28.20 -18.66 4.47
C ILE B 339 -29.37 -19.65 4.62
N ASN B 340 -29.34 -20.51 5.66
CA ASN B 340 -30.43 -21.45 5.93
C ASN B 340 -31.66 -20.72 6.45
N PHE B 341 -31.45 -19.66 7.27
CA PHE B 341 -32.51 -18.84 7.86
C PHE B 341 -33.33 -18.09 6.80
N TYR B 342 -32.72 -17.79 5.66
CA TYR B 342 -33.37 -17.10 4.54
C TYR B 342 -34.20 -18.08 3.71
N ASP B 343 -35.46 -17.69 3.43
CA ASP B 343 -36.36 -18.55 2.62
C ASP B 343 -35.97 -18.40 1.17
N PRO B 344 -35.77 -19.49 0.42
CA PRO B 344 -35.29 -19.38 -0.95
C PRO B 344 -36.24 -18.53 -1.79
N LEU B 345 -37.54 -18.68 -1.61
CA LEU B 345 -38.48 -17.79 -2.34
C LEU B 345 -38.65 -16.55 -1.48
N VAL B 346 -38.74 -15.36 -2.08
CA VAL B 346 -38.86 -14.05 -1.36
C VAL B 346 -37.46 -13.51 -1.03
N PHE B 347 -36.40 -14.32 -1.22
CA PHE B 347 -35.01 -13.85 -1.00
C PHE B 347 -34.63 -12.94 -2.17
N PRO B 348 -34.03 -11.74 -1.98
CA PRO B 348 -33.59 -10.90 -3.11
C PRO B 348 -32.21 -11.35 -3.60
N SER B 349 -32.19 -12.22 -4.62
CA SER B 349 -31.00 -12.88 -5.15
C SER B 349 -30.11 -12.04 -6.08
N SER B 350 -30.16 -10.70 -6.02
CA SER B 350 -29.26 -9.97 -6.93
C SER B 350 -28.51 -8.79 -6.29
N GLU B 351 -28.81 -8.48 -5.01
CA GLU B 351 -28.19 -7.41 -4.21
C GLU B 351 -26.62 -7.45 -4.29
N PHE B 352 -26.02 -6.70 -5.25
CA PHE B 352 -24.57 -6.65 -5.46
C PHE B 352 -23.84 -5.96 -4.33
N ASP B 353 -24.46 -4.92 -3.76
CA ASP B 353 -23.97 -4.13 -2.63
C ASP B 353 -25.17 -3.86 -1.71
N ALA B 354 -25.25 -4.61 -0.61
CA ALA B 354 -26.35 -4.48 0.33
C ALA B 354 -25.86 -4.63 1.78
N SER B 355 -26.81 -4.85 2.70
CA SER B 355 -26.54 -5.01 4.11
C SER B 355 -27.57 -5.96 4.69
N ILE B 356 -27.41 -6.39 5.95
CA ILE B 356 -28.37 -7.32 6.58
C ILE B 356 -29.78 -6.71 6.60
N SER B 357 -29.89 -5.38 6.89
CA SER B 357 -31.21 -4.72 6.88
C SER B 357 -31.77 -4.52 5.48
N GLN B 358 -30.94 -4.06 4.50
CA GLN B 358 -31.37 -3.86 3.10
C GLN B 358 -32.07 -5.10 2.54
N VAL B 359 -31.73 -6.29 3.08
CA VAL B 359 -32.27 -7.59 2.70
C VAL B 359 -33.52 -7.90 3.52
N ASN B 360 -33.44 -7.80 4.86
CA ASN B 360 -34.55 -8.07 5.79
C ASN B 360 -35.75 -7.15 5.56
N GLU B 361 -35.51 -5.91 5.12
CA GLU B 361 -36.53 -4.92 4.78
C GLU B 361 -37.17 -5.29 3.46
N LYS B 362 -36.37 -5.81 2.50
CA LYS B 362 -36.85 -6.24 1.19
C LYS B 362 -37.71 -7.48 1.30
N ILE B 363 -37.43 -8.34 2.31
CA ILE B 363 -38.18 -9.55 2.60
C ILE B 363 -39.51 -9.18 3.26
N ASN B 364 -39.46 -8.32 4.30
CA ASN B 364 -40.63 -7.80 5.01
C ASN B 364 -41.65 -7.20 4.02
N GLN B 365 -41.15 -6.44 3.03
CA GLN B 365 -41.95 -5.77 2.00
C GLN B 365 -42.61 -6.78 1.04
N SER B 366 -41.81 -7.71 0.47
CA SER B 366 -42.28 -8.72 -0.47
C SER B 366 -43.22 -9.75 0.18
N LEU B 367 -43.09 -10.00 1.50
CA LEU B 367 -43.96 -10.91 2.23
C LEU B 367 -45.35 -10.30 2.44
N ALA B 368 -45.40 -8.95 2.61
CA ALA B 368 -46.64 -8.19 2.83
C ALA B 368 -47.62 -8.30 1.66
N PHE B 369 -47.11 -8.33 0.40
CA PHE B 369 -47.93 -8.46 -0.81
C PHE B 369 -48.60 -9.84 -0.84
N ILE B 370 -47.90 -10.88 -0.32
CA ILE B 370 -48.38 -12.26 -0.25
C ILE B 370 -49.47 -12.40 0.82
N ARG B 371 -49.23 -11.82 2.03
CA ARG B 371 -50.14 -11.88 3.18
C ARG B 371 -51.53 -11.29 2.93
N LYS B 372 -51.60 -10.10 2.32
CA LYS B 372 -52.86 -9.40 2.05
C LYS B 372 -53.72 -10.10 0.97
N SER B 373 -53.09 -10.76 -0.01
CA SER B 373 -53.80 -11.47 -1.10
C SER B 373 -54.38 -12.79 -0.60
S SO4 C . -12.20 -7.76 -3.83
O1 SO4 C . -11.02 -8.60 -3.72
O2 SO4 C . -12.77 -7.89 -5.16
O3 SO4 C . -13.18 -8.18 -2.84
O4 SO4 C . -11.84 -6.37 -3.60
C1 NAG D . -40.36 -6.02 9.73
C2 NAG D . -41.61 -6.64 10.35
C3 NAG D . -41.46 -6.48 11.86
C4 NAG D . -40.16 -7.11 12.36
C5 NAG D . -38.95 -6.52 11.61
C6 NAG D . -37.65 -7.22 11.94
C7 NAG D . -44.03 -6.48 9.84
C8 NAG D . -45.11 -5.60 9.28
N2 NAG D . -42.80 -5.94 9.88
O3 NAG D . -42.56 -7.06 12.53
O4 NAG D . -40.01 -6.87 13.76
O5 NAG D . -39.15 -6.65 10.20
O6 NAG D . -36.55 -6.60 11.27
O7 NAG D . -44.27 -7.62 10.26
S SO4 E . -3.71 -24.36 15.09
O1 SO4 E . -3.55 -23.38 14.02
O2 SO4 E . -2.39 -24.64 15.68
O3 SO4 E . -4.61 -23.83 16.13
O4 SO4 E . -4.29 -25.60 14.56
S SO4 F . 30.18 14.82 -2.33
O1 SO4 F . 29.65 13.47 -2.59
O2 SO4 F . 30.75 15.35 -3.57
O3 SO4 F . 31.20 14.75 -1.29
O4 SO4 F . 29.09 15.68 -1.88
#